data_1TMC
#
_entry.id   1TMC
#
_cell.length_a   48.230
_cell.length_b   58.050
_cell.length_c   109.530
_cell.angle_alpha   90.00
_cell.angle_beta   90.00
_cell.angle_gamma   90.00
#
_symmetry.space_group_name_H-M   'P 21 21 21'
#
loop_
_entity.id
_entity.type
_entity.pdbx_description
1 polymer 'CLASS I HISTOCOMPATIBILITY ANTIGEN (HLA-AW68)'
2 polymer 'BETA 2-MICROGLOBULIN'
3 polymer 'DECAMERIC PEPTIDE (EVAPPEYHRK)'
4 water water
#
loop_
_entity_poly.entity_id
_entity_poly.type
_entity_poly.pdbx_seq_one_letter_code
_entity_poly.pdbx_strand_id
1 'polypeptide(L)'
;GSHSMRYFYTSVSRPGRGEPRFIAVGYVDDTQFVRFDSDAASQRMEPRAPWIEQEGPEYWDRNTRNVKAQSQTDRVDLGT
LRGYYNQSEAGSHTIQMMYGCDVGSDGRFLRGYRQDAYDGKDYIALKEDLRSWTAADMAAQTTKHKWEAAHVAEQWRAYL
EGTCVEWLRRYLENG
;
A
2 'polypeptide(L)'
;MIQRTPKIQVYSRHPAENGKSNFLNCYVSGFHPSDIEVDLLKNGERIEKVEHSDLSFSKDWSFYLLYYTEFTPTEKDEYA
CRVNHVTLSQPKIVKWDRDM
;
B
3 'polypeptide(L)' EVAPPEYHRK C
#
# COMPACT_ATOMS: atom_id res chain seq x y z
N GLY A 1 -23.11 -5.17 9.57
CA GLY A 1 -21.92 -5.65 8.80
C GLY A 1 -20.62 -5.45 9.56
N SER A 2 -19.64 -6.29 9.29
CA SER A 2 -18.34 -6.19 9.94
C SER A 2 -17.58 -5.05 9.28
N HIS A 3 -16.42 -4.72 9.82
CA HIS A 3 -15.60 -3.64 9.26
C HIS A 3 -14.15 -3.98 9.45
N SER A 4 -13.29 -3.16 8.87
CA SER A 4 -11.86 -3.41 8.99
C SER A 4 -11.01 -2.18 8.88
N MET A 5 -9.90 -2.18 9.62
CA MET A 5 -8.94 -1.09 9.52
C MET A 5 -7.68 -1.83 9.10
N ARG A 6 -7.04 -1.36 8.03
CA ARG A 6 -5.83 -2.01 7.55
C ARG A 6 -4.78 -1.00 7.14
N TYR A 7 -3.52 -1.31 7.43
CA TYR A 7 -2.41 -0.45 7.05
C TYR A 7 -1.49 -1.21 6.09
N PHE A 8 -1.06 -0.54 5.03
CA PHE A 8 -0.19 -1.12 4.03
C PHE A 8 1.11 -0.34 3.94
N TYR A 9 2.22 -1.00 4.27
CA TYR A 9 3.54 -0.39 4.21
C TYR A 9 4.34 -0.99 3.05
N THR A 10 5.14 -0.15 2.42
CA THR A 10 5.98 -0.56 1.30
C THR A 10 7.31 0.19 1.35
N SER A 11 8.40 -0.57 1.37
CA SER A 11 9.74 0.00 1.35
C SER A 11 10.45 -0.58 0.11
N VAL A 12 10.96 0.29 -0.75
CA VAL A 12 11.66 -0.12 -1.96
C VAL A 12 13.08 0.46 -1.96
N SER A 13 14.09 -0.40 -1.97
CA SER A 13 15.46 0.12 -1.97
C SER A 13 15.83 0.65 -3.35
N ARG A 14 16.79 1.56 -3.38
CA ARG A 14 17.22 2.16 -4.63
C ARG A 14 18.71 2.48 -4.54
N PRO A 15 19.56 1.43 -4.64
CA PRO A 15 21.02 1.55 -4.58
C PRO A 15 21.58 2.73 -5.36
N GLY A 16 22.34 3.57 -4.66
CA GLY A 16 22.93 4.75 -5.26
C GLY A 16 21.94 5.88 -5.49
N ARG A 17 20.76 5.81 -4.90
CA ARG A 17 19.74 6.86 -5.08
C ARG A 17 19.09 7.30 -3.77
N GLY A 18 19.82 7.20 -2.68
CA GLY A 18 19.30 7.60 -1.40
C GLY A 18 18.69 6.46 -0.62
N GLU A 19 18.12 6.81 0.53
CA GLU A 19 17.48 5.85 1.42
C GLU A 19 16.28 5.24 0.71
N PRO A 20 15.80 4.09 1.19
CA PRO A 20 14.64 3.48 0.54
C PRO A 20 13.39 4.34 0.49
N ARG A 21 12.53 4.08 -0.49
CA ARG A 21 11.27 4.81 -0.62
C ARG A 21 10.28 4.12 0.34
N PHE A 22 9.60 4.90 1.17
CA PHE A 22 8.63 4.33 2.10
C PHE A 22 7.23 4.93 1.86
N ILE A 23 6.24 4.08 1.69
CA ILE A 23 4.89 4.57 1.48
C ILE A 23 4.00 3.81 2.46
N ALA A 24 3.11 4.53 3.13
CA ALA A 24 2.20 3.92 4.09
C ALA A 24 0.80 4.46 3.87
N VAL A 25 -0.17 3.55 3.77
CA VAL A 25 -1.58 3.92 3.59
C VAL A 25 -2.43 3.21 4.64
N GLY A 26 -3.47 3.90 5.11
CA GLY A 26 -4.35 3.33 6.10
C GLY A 26 -5.74 3.27 5.51
N TYR A 27 -6.46 2.19 5.79
CA TYR A 27 -7.81 2.01 5.29
C TYR A 27 -8.80 1.64 6.38
N VAL A 28 -10.02 2.12 6.22
CA VAL A 28 -11.14 1.80 7.10
C VAL A 28 -12.12 1.34 6.03
N ASP A 29 -12.33 0.04 5.96
CA ASP A 29 -13.19 -0.57 4.96
C ASP A 29 -12.52 -0.35 3.60
N ASP A 30 -13.19 0.33 2.66
CA ASP A 30 -12.58 0.58 1.35
C ASP A 30 -12.21 2.04 1.18
N THR A 31 -12.05 2.72 2.31
CA THR A 31 -11.74 4.13 2.30
C THR A 31 -10.38 4.38 2.92
N GLN A 32 -9.49 4.95 2.12
CA GLN A 32 -8.14 5.30 2.56
C GLN A 32 -8.32 6.60 3.34
N PHE A 33 -7.74 6.68 4.55
CA PHE A 33 -7.89 7.90 5.35
C PHE A 33 -6.60 8.65 5.70
N VAL A 34 -5.46 7.99 5.57
CA VAL A 34 -4.18 8.63 5.87
C VAL A 34 -3.14 8.08 4.90
N ARG A 35 -1.99 8.76 4.84
CA ARG A 35 -0.92 8.34 3.95
C ARG A 35 0.39 8.97 4.35
N PHE A 36 1.49 8.27 4.08
CA PHE A 36 2.82 8.78 4.36
C PHE A 36 3.72 8.39 3.18
N ASP A 37 4.52 9.33 2.70
CA ASP A 37 5.43 9.08 1.58
C ASP A 37 6.73 9.78 1.90
N SER A 38 7.78 8.99 2.06
CA SER A 38 9.11 9.51 2.38
C SER A 38 9.62 10.51 1.34
N ASP A 39 9.10 10.41 0.12
CA ASP A 39 9.52 11.32 -0.94
C ASP A 39 8.72 12.62 -1.04
N ALA A 40 7.65 12.74 -0.26
CA ALA A 40 6.84 13.95 -0.28
C ALA A 40 7.58 15.00 0.55
N ALA A 41 7.18 16.26 0.42
CA ALA A 41 7.84 17.34 1.15
C ALA A 41 7.44 17.59 2.61
N SER A 42 6.24 17.15 3.01
CA SER A 42 5.78 17.38 4.39
C SER A 42 6.49 16.53 5.44
N GLN A 43 6.80 15.28 5.07
CA GLN A 43 7.45 14.34 6.00
C GLN A 43 6.56 14.06 7.19
N ARG A 44 5.25 14.01 6.95
CA ARG A 44 4.30 13.75 8.02
C ARG A 44 3.12 12.95 7.50
N MET A 45 2.42 12.29 8.41
CA MET A 45 1.23 11.51 8.04
C MET A 45 0.22 12.56 7.58
N GLU A 46 -0.52 12.27 6.51
CA GLU A 46 -1.51 13.19 5.97
C GLU A 46 -2.86 12.53 5.85
N PRO A 47 -3.93 13.30 6.04
CA PRO A 47 -5.32 12.82 5.94
C PRO A 47 -5.74 12.72 4.47
N ARG A 48 -6.57 11.74 4.17
CA ARG A 48 -7.05 11.52 2.80
C ARG A 48 -8.56 11.31 2.79
N ALA A 49 -9.19 11.53 3.94
CA ALA A 49 -10.63 11.42 4.08
C ALA A 49 -11.02 12.60 4.96
N PRO A 50 -12.26 13.08 4.84
CA PRO A 50 -12.68 14.23 5.66
C PRO A 50 -12.79 13.98 7.18
N TRP A 51 -13.40 12.86 7.57
CA TRP A 51 -13.58 12.55 8.99
C TRP A 51 -12.33 12.34 9.84
N ILE A 52 -11.14 12.47 9.26
CA ILE A 52 -9.92 12.24 10.03
C ILE A 52 -9.22 13.56 10.33
N GLU A 53 -9.51 14.58 9.53
CA GLU A 53 -8.92 15.91 9.66
C GLU A 53 -9.14 16.52 11.05
N GLN A 54 -10.19 16.06 11.73
CA GLN A 54 -10.52 16.52 13.07
C GLN A 54 -9.57 16.04 14.16
N GLU A 55 -8.76 15.03 13.86
CA GLU A 55 -7.84 14.51 14.86
C GLU A 55 -6.84 15.57 15.27
N GLY A 56 -6.43 15.54 16.53
CA GLY A 56 -5.51 16.53 17.05
C GLY A 56 -4.07 16.44 16.61
N PRO A 57 -3.28 17.50 16.86
CA PRO A 57 -1.87 17.57 16.48
C PRO A 57 -1.03 16.45 17.12
N GLU A 58 -1.46 15.99 18.29
CA GLU A 58 -0.74 14.92 18.99
C GLU A 58 -0.89 13.62 18.21
N TYR A 59 -2.05 13.45 17.60
CA TYR A 59 -2.33 12.26 16.81
C TYR A 59 -1.39 12.26 15.62
N TRP A 60 -1.37 13.36 14.90
CA TRP A 60 -0.53 13.48 13.71
C TRP A 60 0.94 13.33 14.05
N ASP A 61 1.35 13.83 15.21
CA ASP A 61 2.73 13.72 15.67
C ASP A 61 3.09 12.25 15.92
N ARG A 62 2.30 11.62 16.78
CA ARG A 62 2.47 10.22 17.17
C ARG A 62 2.53 9.29 15.97
N ASN A 63 1.51 9.40 15.10
CA ASN A 63 1.40 8.57 13.91
C ASN A 63 2.55 8.80 12.93
N THR A 64 3.03 10.04 12.87
CA THR A 64 4.16 10.39 12.01
C THR A 64 5.45 9.74 12.52
N ARG A 65 5.74 9.90 13.82
CA ARG A 65 6.95 9.31 14.41
C ARG A 65 6.97 7.79 14.32
N ASN A 66 5.82 7.17 14.58
CA ASN A 66 5.70 5.71 14.52
C ASN A 66 5.96 5.10 13.13
N VAL A 67 5.37 5.68 12.07
CA VAL A 67 5.60 5.18 10.71
C VAL A 67 7.04 5.38 10.28
N LYS A 68 7.60 6.53 10.62
CA LYS A 68 8.99 6.85 10.29
C LYS A 68 9.92 5.84 10.96
N ALA A 69 9.69 5.58 12.24
CA ALA A 69 10.54 4.65 12.95
C ALA A 69 10.44 3.28 12.31
N GLN A 70 9.25 2.92 11.83
CA GLN A 70 9.05 1.65 11.14
C GLN A 70 9.88 1.64 9.83
N SER A 71 9.90 2.77 9.13
CA SER A 71 10.66 2.87 7.88
C SER A 71 12.15 2.65 8.10
N GLN A 72 12.64 3.04 9.27
CA GLN A 72 14.05 2.84 9.59
C GLN A 72 14.30 1.36 9.85
N THR A 73 13.36 0.68 10.49
CA THR A 73 13.50 -0.74 10.75
C THR A 73 13.60 -1.44 9.39
N ASP A 74 12.74 -1.02 8.45
CA ASP A 74 12.71 -1.57 7.11
C ASP A 74 14.04 -1.41 6.36
N ARG A 75 14.74 -0.30 6.55
CA ARG A 75 16.02 -0.16 5.84
C ARG A 75 17.12 -1.06 6.41
N VAL A 76 17.05 -1.37 7.71
CA VAL A 76 18.01 -2.27 8.32
C VAL A 76 17.61 -3.62 7.74
N ASP A 77 16.31 -3.92 7.75
CA ASP A 77 15.83 -5.19 7.24
C ASP A 77 16.14 -5.46 5.78
N LEU A 78 16.08 -4.43 4.94
CA LEU A 78 16.38 -4.57 3.53
C LEU A 78 17.81 -5.06 3.35
N GLY A 79 18.70 -4.62 4.24
CA GLY A 79 20.09 -5.03 4.19
C GLY A 79 20.21 -6.46 4.67
N THR A 80 19.61 -6.74 5.82
CA THR A 80 19.64 -8.07 6.39
C THR A 80 19.11 -9.11 5.40
N LEU A 81 17.96 -8.82 4.82
CA LEU A 81 17.33 -9.74 3.87
C LEU A 81 18.11 -9.95 2.59
N ARG A 82 18.91 -8.96 2.19
CA ARG A 82 19.72 -9.09 1.00
C ARG A 82 20.79 -10.15 1.26
N GLY A 83 21.32 -10.15 2.47
CA GLY A 83 22.33 -11.12 2.87
C GLY A 83 21.78 -12.53 3.04
N TYR A 84 20.59 -12.66 3.61
CA TYR A 84 19.97 -13.96 3.80
C TYR A 84 19.81 -14.66 2.47
N TYR A 85 19.40 -13.88 1.48
CA TYR A 85 19.18 -14.39 0.14
C TYR A 85 20.40 -14.30 -0.76
N ASN A 86 21.45 -13.65 -0.25
CA ASN A 86 22.73 -13.48 -0.94
C ASN A 86 22.61 -12.83 -2.31
N GLN A 87 21.97 -11.68 -2.34
CA GLN A 87 21.76 -10.94 -3.58
C GLN A 87 22.81 -9.83 -3.70
N SER A 88 22.90 -9.22 -4.87
CA SER A 88 23.86 -8.14 -5.05
C SER A 88 23.41 -6.87 -4.36
N GLU A 89 24.32 -5.92 -4.21
CA GLU A 89 24.00 -4.65 -3.59
C GLU A 89 23.37 -3.68 -4.60
N ALA A 90 23.49 -4.00 -5.88
CA ALA A 90 22.98 -3.16 -6.97
C ALA A 90 21.49 -3.24 -7.25
N GLY A 91 20.88 -4.35 -6.91
CA GLY A 91 19.46 -4.48 -7.18
C GLY A 91 18.55 -3.75 -6.19
N SER A 92 17.32 -3.50 -6.61
CA SER A 92 16.32 -2.84 -5.79
C SER A 92 15.44 -3.93 -5.23
N HIS A 93 15.10 -3.87 -3.96
CA HIS A 93 14.24 -4.89 -3.36
C HIS A 93 13.13 -4.28 -2.53
N THR A 94 12.09 -5.08 -2.28
CA THR A 94 10.90 -4.63 -1.58
C THR A 94 10.44 -5.40 -0.34
N ILE A 95 10.00 -4.67 0.67
CA ILE A 95 9.46 -5.23 1.87
C ILE A 95 8.07 -4.63 1.97
N GLN A 96 7.08 -5.50 2.15
CA GLN A 96 5.71 -5.09 2.28
C GLN A 96 5.15 -5.70 3.54
N MET A 97 4.22 -4.99 4.15
CA MET A 97 3.56 -5.46 5.35
C MET A 97 2.14 -4.92 5.41
N MET A 98 1.21 -5.80 5.75
CA MET A 98 -0.18 -5.41 5.89
C MET A 98 -0.57 -5.89 7.29
N TYR A 99 -1.35 -5.07 7.98
CA TYR A 99 -1.79 -5.42 9.31
C TYR A 99 -3.08 -4.68 9.60
N GLY A 100 -3.97 -5.32 10.37
CA GLY A 100 -5.23 -4.69 10.69
C GLY A 100 -6.14 -5.56 11.54
N CYS A 101 -7.38 -5.13 11.66
CA CYS A 101 -8.35 -5.85 12.47
C CYS A 101 -9.75 -5.74 11.90
N ASP A 102 -10.59 -6.71 12.23
CA ASP A 102 -11.96 -6.74 11.79
C ASP A 102 -12.82 -6.70 13.03
N VAL A 103 -13.89 -5.94 12.97
CA VAL A 103 -14.82 -5.86 14.08
C VAL A 103 -16.15 -6.35 13.53
N GLY A 104 -17.02 -6.83 14.42
CA GLY A 104 -18.31 -7.30 13.98
C GLY A 104 -19.26 -6.12 13.80
N SER A 105 -20.51 -6.40 13.47
CA SER A 105 -21.51 -5.37 13.30
C SER A 105 -21.65 -4.53 14.57
N ASP A 106 -21.42 -5.18 15.71
CA ASP A 106 -21.51 -4.53 17.01
C ASP A 106 -20.14 -3.98 17.45
N GLY A 107 -19.19 -3.96 16.52
CA GLY A 107 -17.87 -3.44 16.83
C GLY A 107 -16.99 -4.28 17.76
N ARG A 108 -17.30 -5.56 17.91
CA ARG A 108 -16.50 -6.44 18.77
C ARG A 108 -15.34 -7.00 17.96
N PHE A 109 -14.22 -7.30 18.61
CA PHE A 109 -13.04 -7.84 17.93
C PHE A 109 -13.37 -9.16 17.24
N LEU A 110 -13.06 -9.23 15.96
CA LEU A 110 -13.32 -10.41 15.16
C LEU A 110 -12.03 -11.12 14.80
N ARG A 111 -11.09 -10.38 14.21
CA ARG A 111 -9.82 -10.94 13.77
C ARG A 111 -8.78 -9.84 13.70
N GLY A 112 -7.52 -10.26 13.76
CA GLY A 112 -6.40 -9.33 13.67
C GLY A 112 -5.37 -10.02 12.79
N TYR A 113 -4.48 -9.25 12.19
CA TYR A 113 -3.47 -9.83 11.32
C TYR A 113 -2.25 -8.95 11.12
N ARG A 114 -1.09 -9.59 10.96
CA ARG A 114 0.18 -8.91 10.71
C ARG A 114 0.97 -9.84 9.80
N GLN A 115 1.07 -9.46 8.52
CA GLN A 115 1.79 -10.22 7.53
C GLN A 115 2.74 -9.37 6.70
N ASP A 116 3.91 -9.93 6.38
CA ASP A 116 4.90 -9.23 5.58
C ASP A 116 5.43 -10.12 4.45
N ALA A 117 6.05 -9.48 3.46
CA ALA A 117 6.57 -10.19 2.30
C ALA A 117 7.88 -9.59 1.88
N TYR A 118 8.69 -10.38 1.18
CA TYR A 118 9.96 -9.90 0.63
C TYR A 118 9.96 -10.16 -0.87
N ASP A 119 10.08 -9.08 -1.64
CA ASP A 119 10.07 -9.19 -3.09
C ASP A 119 8.78 -9.81 -3.62
N GLY A 120 7.66 -9.37 -3.06
CA GLY A 120 6.36 -9.85 -3.48
C GLY A 120 5.91 -11.23 -3.08
N LYS A 121 6.64 -11.92 -2.21
CA LYS A 121 6.26 -13.26 -1.76
C LYS A 121 6.25 -13.29 -0.25
N ASP A 122 5.48 -14.20 0.34
CA ASP A 122 5.42 -14.32 1.79
C ASP A 122 6.80 -14.49 2.43
N TYR A 123 6.96 -13.94 3.63
CA TYR A 123 8.21 -14.06 4.38
C TYR A 123 7.80 -14.54 5.78
N ILE A 124 7.31 -13.63 6.63
CA ILE A 124 6.89 -14.01 7.98
C ILE A 124 5.54 -13.40 8.29
N ALA A 125 4.65 -14.20 8.88
CA ALA A 125 3.33 -13.72 9.24
C ALA A 125 2.98 -14.27 10.60
N LEU A 126 2.16 -13.51 11.33
CA LEU A 126 1.71 -13.89 12.66
C LEU A 126 0.46 -14.75 12.44
N LYS A 127 0.40 -15.90 13.11
CA LYS A 127 -0.75 -16.79 12.98
C LYS A 127 -2.00 -16.19 13.60
N GLU A 128 -3.15 -16.76 13.25
CA GLU A 128 -4.46 -16.31 13.74
C GLU A 128 -4.48 -16.08 15.25
N ASP A 129 -3.76 -16.93 15.98
CA ASP A 129 -3.71 -16.83 17.43
C ASP A 129 -3.01 -15.58 17.93
N LEU A 130 -2.30 -14.91 17.05
CA LEU A 130 -1.54 -13.69 17.37
C LEU A 130 -0.48 -13.99 18.43
N ARG A 131 -0.10 -15.26 18.54
CA ARG A 131 0.87 -15.72 19.52
C ARG A 131 2.03 -16.48 18.90
N SER A 132 1.87 -16.92 17.65
CA SER A 132 2.94 -17.68 17.00
C SER A 132 3.17 -17.16 15.59
N TRP A 133 4.29 -17.55 15.00
CA TRP A 133 4.65 -17.11 13.65
C TRP A 133 4.65 -18.24 12.66
N THR A 134 4.44 -17.88 11.39
CA THR A 134 4.45 -18.79 10.26
C THR A 134 5.55 -18.23 9.36
N ALA A 135 6.57 -19.02 9.08
CA ALA A 135 7.66 -18.57 8.24
C ALA A 135 7.52 -19.24 6.88
N ALA A 136 7.50 -18.46 5.81
CA ALA A 136 7.34 -19.00 4.47
C ALA A 136 8.57 -19.70 3.90
N ASP A 137 9.73 -19.48 4.49
CA ASP A 137 10.92 -20.16 3.98
C ASP A 137 12.03 -20.25 5.01
N MET A 138 13.22 -20.60 4.51
CA MET A 138 14.42 -20.78 5.31
C MET A 138 14.86 -19.46 5.90
N ALA A 139 14.85 -18.43 5.05
CA ALA A 139 15.27 -17.10 5.45
C ALA A 139 14.35 -16.61 6.58
N ALA A 140 13.05 -16.71 6.36
CA ALA A 140 12.07 -16.27 7.36
C ALA A 140 12.19 -17.05 8.66
N GLN A 141 12.60 -18.32 8.55
CA GLN A 141 12.75 -19.18 9.72
C GLN A 141 13.81 -18.61 10.66
N THR A 142 14.87 -18.05 10.09
CA THR A 142 15.92 -17.44 10.86
C THR A 142 15.26 -16.32 11.70
N THR A 143 14.43 -15.52 11.04
CA THR A 143 13.72 -14.42 11.71
C THR A 143 12.80 -14.99 12.78
N LYS A 144 12.07 -16.03 12.41
CA LYS A 144 11.14 -16.66 13.35
C LYS A 144 11.85 -17.13 14.61
N HIS A 145 13.03 -17.73 14.48
CA HIS A 145 13.76 -18.20 15.65
C HIS A 145 14.18 -17.06 16.57
N LYS A 146 14.57 -15.93 15.99
CA LYS A 146 14.93 -14.78 16.80
C LYS A 146 13.68 -14.24 17.49
N TRP A 147 12.65 -13.99 16.71
CA TRP A 147 11.40 -13.45 17.21
C TRP A 147 10.64 -14.27 18.22
N GLU A 148 10.69 -15.60 18.11
CA GLU A 148 9.97 -16.44 19.07
C GLU A 148 10.67 -16.43 20.43
N ALA A 149 11.91 -15.94 20.44
CA ALA A 149 12.67 -15.85 21.67
C ALA A 149 12.58 -14.44 22.28
N ALA A 150 12.17 -13.45 21.49
CA ALA A 150 12.05 -12.07 21.97
C ALA A 150 10.62 -11.61 22.19
N HIS A 151 9.68 -12.53 22.02
CA HIS A 151 8.24 -12.28 22.19
C HIS A 151 7.63 -11.05 21.51
N VAL A 152 7.93 -10.89 20.22
CA VAL A 152 7.40 -9.77 19.47
C VAL A 152 5.91 -9.98 19.16
N ALA A 153 5.45 -11.21 19.32
CA ALA A 153 4.06 -11.56 19.09
C ALA A 153 3.16 -10.84 20.10
N GLU A 154 3.62 -10.75 21.35
CA GLU A 154 2.88 -10.09 22.42
C GLU A 154 2.69 -8.61 22.14
N GLN A 155 3.70 -8.00 21.54
CA GLN A 155 3.61 -6.59 21.22
C GLN A 155 2.53 -6.35 20.18
N TRP A 156 2.51 -7.19 19.16
CA TRP A 156 1.52 -7.07 18.11
C TRP A 156 0.12 -7.40 18.60
N ARG A 157 0.00 -8.45 19.41
CA ARG A 157 -1.29 -8.85 19.92
C ARG A 157 -1.98 -7.75 20.75
N ALA A 158 -1.20 -7.00 21.52
CA ALA A 158 -1.71 -5.90 22.35
C ALA A 158 -2.30 -4.84 21.46
N TYR A 159 -1.63 -4.57 20.34
CA TYR A 159 -2.11 -3.57 19.39
C TYR A 159 -3.33 -4.04 18.60
N LEU A 160 -3.22 -5.23 18.01
CA LEU A 160 -4.28 -5.79 17.19
C LEU A 160 -5.59 -6.01 17.96
N GLU A 161 -5.50 -6.37 19.23
CA GLU A 161 -6.72 -6.58 20.01
C GLU A 161 -7.15 -5.34 20.81
N GLY A 162 -6.20 -4.45 21.09
CA GLY A 162 -6.50 -3.25 21.83
C GLY A 162 -6.66 -2.01 20.96
N THR A 163 -5.57 -1.26 20.81
CA THR A 163 -5.55 -0.03 20.03
C THR A 163 -6.26 -0.12 18.69
N CYS A 164 -6.02 -1.19 17.94
CA CYS A 164 -6.61 -1.32 16.62
C CYS A 164 -8.12 -1.27 16.65
N VAL A 165 -8.73 -2.12 17.46
CA VAL A 165 -10.18 -2.20 17.56
C VAL A 165 -10.84 -0.91 18.05
N GLU A 166 -10.23 -0.31 19.07
CA GLU A 166 -10.76 0.90 19.65
C GLU A 166 -10.73 2.11 18.75
N TRP A 167 -9.70 2.23 17.92
CA TRP A 167 -9.65 3.36 17.00
C TRP A 167 -10.52 3.11 15.81
N LEU A 168 -10.58 1.87 15.35
CA LEU A 168 -11.42 1.53 14.23
C LEU A 168 -12.84 1.97 14.61
N ARG A 169 -13.25 1.67 15.85
CA ARG A 169 -14.57 2.06 16.32
C ARG A 169 -14.77 3.59 16.33
N ARG A 170 -13.70 4.34 16.63
CA ARG A 170 -13.76 5.80 16.64
C ARG A 170 -13.96 6.30 15.22
N TYR A 171 -13.19 5.74 14.29
CA TYR A 171 -13.24 6.11 12.88
C TYR A 171 -14.60 5.81 12.30
N LEU A 172 -15.15 4.66 12.65
CA LEU A 172 -16.46 4.22 12.17
C LEU A 172 -17.54 5.21 12.60
N GLU A 173 -17.46 5.67 13.84
CA GLU A 173 -18.43 6.61 14.39
C GLU A 173 -18.26 8.03 13.84
N ASN A 174 -17.01 8.47 13.69
CA ASN A 174 -16.74 9.81 13.18
C ASN A 174 -16.99 9.92 11.67
N GLY A 175 -16.92 8.79 10.97
CA GLY A 175 -17.13 8.77 9.53
C GLY A 175 -18.57 8.57 9.12
N ILE B 2 7.35 -11.80 -6.79
CA ILE B 2 8.06 -12.00 -8.09
C ILE B 2 7.71 -10.85 -9.02
N GLN B 3 8.20 -10.88 -10.26
CA GLN B 3 7.90 -9.84 -11.23
C GLN B 3 6.61 -10.24 -11.89
N ARG B 4 5.64 -9.35 -11.88
CA ARG B 4 4.33 -9.62 -12.46
C ARG B 4 3.95 -8.44 -13.31
N THR B 5 3.22 -8.69 -14.39
CA THR B 5 2.85 -7.64 -15.31
C THR B 5 1.50 -7.01 -15.00
N PRO B 6 1.39 -5.70 -15.20
CA PRO B 6 0.16 -4.95 -14.94
C PRO B 6 -1.05 -5.27 -15.78
N LYS B 7 -2.22 -5.12 -15.14
CA LYS B 7 -3.51 -5.29 -15.78
C LYS B 7 -3.95 -3.84 -15.90
N ILE B 8 -4.56 -3.47 -17.01
CA ILE B 8 -4.96 -2.10 -17.22
C ILE B 8 -6.43 -1.99 -17.57
N GLN B 9 -7.17 -1.19 -16.80
CA GLN B 9 -8.59 -1.02 -17.05
C GLN B 9 -8.84 0.46 -17.23
N VAL B 10 -9.38 0.85 -18.38
CA VAL B 10 -9.69 2.24 -18.66
C VAL B 10 -11.21 2.39 -18.56
N TYR B 11 -11.68 3.43 -17.86
CA TYR B 11 -13.11 3.66 -17.70
C TYR B 11 -13.40 5.09 -17.22
N SER B 12 -14.59 5.60 -17.51
CA SER B 12 -14.97 6.95 -17.08
C SER B 12 -15.62 6.88 -15.70
N ARG B 13 -15.40 7.91 -14.88
CA ARG B 13 -15.94 7.97 -13.53
C ARG B 13 -17.45 7.80 -13.54
N HIS B 14 -18.10 8.41 -14.52
CA HIS B 14 -19.55 8.33 -14.67
C HIS B 14 -19.82 7.81 -16.07
N PRO B 15 -20.98 7.18 -16.30
CA PRO B 15 -21.32 6.65 -17.63
C PRO B 15 -21.12 7.73 -18.71
N ALA B 16 -20.41 7.38 -19.77
CA ALA B 16 -20.12 8.33 -20.85
C ALA B 16 -21.33 8.81 -21.63
N GLU B 17 -21.51 10.13 -21.67
CA GLU B 17 -22.60 10.77 -22.38
C GLU B 17 -22.08 12.14 -22.82
N ASN B 18 -21.84 12.29 -24.11
CA ASN B 18 -21.30 13.54 -24.67
C ASN B 18 -22.14 14.74 -24.23
N GLY B 19 -21.48 15.81 -23.81
CA GLY B 19 -22.19 16.98 -23.35
C GLY B 19 -22.22 17.11 -21.84
N LYS B 20 -21.70 16.09 -21.16
CA LYS B 20 -21.63 16.09 -19.71
C LYS B 20 -20.14 16.11 -19.35
N SER B 21 -19.81 15.69 -18.13
CA SER B 21 -18.41 15.65 -17.73
C SER B 21 -18.16 14.72 -16.55
N ASN B 22 -16.91 14.31 -16.40
CA ASN B 22 -16.46 13.43 -15.34
C ASN B 22 -14.96 13.17 -15.55
N PHE B 23 -14.46 12.03 -15.09
CA PHE B 23 -13.03 11.74 -15.23
C PHE B 23 -12.78 10.43 -15.97
N LEU B 24 -11.69 10.40 -16.72
CA LEU B 24 -11.26 9.20 -17.42
C LEU B 24 -10.32 8.53 -16.42
N ASN B 25 -10.52 7.24 -16.18
CA ASN B 25 -9.72 6.52 -15.20
C ASN B 25 -8.92 5.35 -15.78
N CYS B 26 -7.71 5.15 -15.26
CA CYS B 26 -6.91 4.01 -15.65
C CYS B 26 -6.47 3.33 -14.36
N TYR B 27 -6.96 2.12 -14.13
CA TYR B 27 -6.63 1.36 -12.95
C TYR B 27 -5.62 0.29 -13.31
N VAL B 28 -4.40 0.42 -12.79
CA VAL B 28 -3.36 -0.58 -13.07
C VAL B 28 -3.24 -1.43 -11.82
N SER B 29 -3.20 -2.75 -12.00
CA SER B 29 -3.11 -3.66 -10.86
C SER B 29 -2.40 -4.97 -11.21
N GLY B 30 -2.05 -5.73 -10.18
CA GLY B 30 -1.38 -7.00 -10.39
C GLY B 30 0.07 -6.94 -10.82
N PHE B 31 0.73 -5.83 -10.54
CA PHE B 31 2.11 -5.71 -10.94
C PHE B 31 3.13 -5.71 -9.80
N HIS B 32 4.35 -6.13 -10.13
CA HIS B 32 5.47 -6.17 -9.21
C HIS B 32 6.69 -6.19 -10.10
N PRO B 33 7.71 -5.35 -9.80
CA PRO B 33 7.81 -4.41 -8.69
C PRO B 33 6.93 -3.16 -8.83
N SER B 34 7.04 -2.27 -7.86
CA SER B 34 6.24 -1.04 -7.85
C SER B 34 6.55 -0.02 -8.92
N ASP B 35 7.78 -0.02 -9.43
CA ASP B 35 8.18 0.93 -10.46
C ASP B 35 7.24 0.77 -11.65
N ILE B 36 6.62 1.87 -12.07
CA ILE B 36 5.69 1.84 -13.18
C ILE B 36 5.42 3.25 -13.69
N GLU B 37 5.12 3.36 -14.98
CA GLU B 37 4.81 4.64 -15.59
C GLU B 37 3.47 4.48 -16.29
N VAL B 38 2.52 5.35 -15.98
CA VAL B 38 1.20 5.29 -16.59
C VAL B 38 0.83 6.69 -17.06
N ASP B 39 0.37 6.76 -18.31
CA ASP B 39 -0.02 8.03 -18.91
C ASP B 39 -1.41 7.95 -19.51
N LEU B 40 -2.19 9.01 -19.35
CA LEU B 40 -3.51 9.07 -19.95
C LEU B 40 -3.28 9.87 -21.23
N LEU B 41 -3.72 9.34 -22.37
CA LEU B 41 -3.52 10.01 -23.65
C LEU B 41 -4.84 10.44 -24.29
N LYS B 42 -4.82 11.60 -24.94
CA LYS B 42 -5.97 12.15 -25.66
C LYS B 42 -5.50 12.20 -27.10
N ASN B 43 -6.07 11.35 -27.95
CA ASN B 43 -5.68 11.27 -29.36
C ASN B 43 -4.17 11.08 -29.51
N GLY B 44 -3.60 10.25 -28.65
CA GLY B 44 -2.19 9.94 -28.72
C GLY B 44 -1.22 10.89 -28.06
N GLU B 45 -1.70 11.97 -27.46
CA GLU B 45 -0.80 12.89 -26.80
C GLU B 45 -0.98 12.71 -25.31
N ARG B 46 0.10 12.86 -24.54
CA ARG B 46 0.00 12.70 -23.10
C ARG B 46 -0.82 13.85 -22.53
N ILE B 47 -1.83 13.52 -21.74
CA ILE B 47 -2.63 14.57 -21.13
C ILE B 47 -1.73 15.12 -20.02
N GLU B 48 -1.66 16.45 -19.93
CA GLU B 48 -0.83 17.10 -18.92
C GLU B 48 -1.32 16.78 -17.51
N LYS B 49 -2.62 16.87 -17.32
CA LYS B 49 -3.21 16.57 -16.01
C LYS B 49 -3.45 15.08 -15.87
N VAL B 50 -2.99 14.52 -14.76
CA VAL B 50 -3.16 13.10 -14.47
C VAL B 50 -2.83 12.84 -13.00
N GLU B 51 -3.88 12.70 -12.20
CA GLU B 51 -3.70 12.44 -10.78
C GLU B 51 -3.71 10.95 -10.55
N HIS B 52 -3.29 10.53 -9.35
CA HIS B 52 -3.29 9.12 -9.01
C HIS B 52 -3.29 8.87 -7.50
N SER B 53 -3.77 7.70 -7.12
CA SER B 53 -3.87 7.29 -5.73
C SER B 53 -2.53 6.90 -5.13
N ASP B 54 -2.55 6.62 -3.83
CA ASP B 54 -1.37 6.21 -3.08
C ASP B 54 -1.14 4.72 -3.24
N LEU B 55 0.12 4.35 -3.39
CA LEU B 55 0.52 2.96 -3.60
C LEU B 55 0.03 1.99 -2.55
N SER B 56 -0.83 1.07 -2.96
CA SER B 56 -1.36 0.04 -2.07
C SER B 56 -1.20 -1.30 -2.81
N PHE B 57 -1.57 -2.40 -2.18
CA PHE B 57 -1.43 -3.71 -2.80
C PHE B 57 -2.51 -4.68 -2.36
N SER B 58 -2.73 -5.72 -3.16
CA SER B 58 -3.72 -6.75 -2.83
C SER B 58 -3.11 -7.86 -1.98
N LYS B 59 -3.93 -8.83 -1.61
CA LYS B 59 -3.50 -9.94 -0.78
C LYS B 59 -2.24 -10.66 -1.30
N ASP B 60 -2.12 -10.77 -2.62
CA ASP B 60 -0.96 -11.45 -3.20
C ASP B 60 0.28 -10.56 -3.31
N TRP B 61 0.19 -9.38 -2.68
CA TRP B 61 1.25 -8.36 -2.63
C TRP B 61 1.46 -7.58 -3.92
N SER B 62 0.77 -7.91 -5.00
CA SER B 62 0.97 -7.17 -6.25
C SER B 62 0.32 -5.81 -6.09
N PHE B 63 0.95 -4.78 -6.66
CA PHE B 63 0.48 -3.42 -6.53
C PHE B 63 -0.69 -2.99 -7.43
N TYR B 64 -1.33 -1.88 -7.08
CA TYR B 64 -2.43 -1.30 -7.86
C TYR B 64 -2.43 0.20 -7.68
N LEU B 65 -2.69 0.92 -8.77
CA LEU B 65 -2.73 2.39 -8.80
C LEU B 65 -3.89 2.85 -9.68
N LEU B 66 -4.55 3.93 -9.26
CA LEU B 66 -5.65 4.50 -10.01
C LEU B 66 -5.20 5.86 -10.49
N TYR B 67 -5.20 6.05 -11.81
CA TYR B 67 -4.81 7.31 -12.42
C TYR B 67 -6.08 7.89 -13.03
N TYR B 68 -6.33 9.17 -12.79
CA TYR B 68 -7.54 9.80 -13.30
C TYR B 68 -7.32 11.27 -13.69
N THR B 69 -8.17 11.74 -14.60
CA THR B 69 -8.13 13.12 -15.09
C THR B 69 -9.52 13.52 -15.57
N GLU B 70 -9.86 14.80 -15.40
CA GLU B 70 -11.15 15.33 -15.82
C GLU B 70 -11.12 15.45 -17.34
N PHE B 71 -12.22 15.13 -18.00
CA PHE B 71 -12.27 15.21 -19.45
C PHE B 71 -13.68 15.39 -20.00
N THR B 72 -13.74 15.86 -21.23
CA THR B 72 -15.02 16.07 -21.92
C THR B 72 -15.10 15.07 -23.08
N PRO B 73 -15.91 14.01 -22.88
CA PRO B 73 -16.13 12.95 -23.86
C PRO B 73 -16.89 13.42 -25.11
N THR B 74 -16.36 13.11 -26.28
CA THR B 74 -16.99 13.50 -27.54
C THR B 74 -16.97 12.33 -28.53
N GLU B 75 -17.50 12.57 -29.72
CA GLU B 75 -17.53 11.55 -30.76
C GLU B 75 -16.15 11.25 -31.30
N LYS B 76 -15.41 12.31 -31.64
CA LYS B 76 -14.07 12.18 -32.22
C LYS B 76 -12.89 11.90 -31.30
N ASP B 77 -12.80 12.63 -30.20
CA ASP B 77 -11.70 12.47 -29.26
C ASP B 77 -11.50 11.06 -28.74
N GLU B 78 -10.35 10.49 -29.06
CA GLU B 78 -9.97 9.15 -28.62
C GLU B 78 -9.19 9.27 -27.31
N TYR B 79 -9.34 8.28 -26.43
CA TYR B 79 -8.65 8.26 -25.15
C TYR B 79 -7.97 6.92 -24.91
N ALA B 80 -6.85 6.93 -24.20
CA ALA B 80 -6.11 5.71 -23.94
C ALA B 80 -5.22 5.85 -22.72
N CYS B 81 -4.69 4.73 -22.25
CA CYS B 81 -3.81 4.69 -21.10
C CYS B 81 -2.55 3.95 -21.52
N ARG B 82 -1.41 4.63 -21.51
CA ARG B 82 -0.16 4.00 -21.88
C ARG B 82 0.58 3.61 -20.61
N VAL B 83 1.00 2.35 -20.53
CA VAL B 83 1.69 1.84 -19.36
C VAL B 83 3.07 1.28 -19.70
N ASN B 84 4.04 1.58 -18.82
CA ASN B 84 5.41 1.11 -18.97
C ASN B 84 5.79 0.43 -17.66
N HIS B 85 6.41 -0.74 -17.76
CA HIS B 85 6.82 -1.53 -16.60
C HIS B 85 7.96 -2.46 -17.04
N VAL B 86 8.90 -2.71 -16.14
CA VAL B 86 10.05 -3.57 -16.44
C VAL B 86 9.71 -4.92 -17.09
N THR B 87 8.51 -5.42 -16.84
CA THR B 87 8.06 -6.70 -17.39
C THR B 87 7.59 -6.68 -18.85
N LEU B 88 7.51 -5.49 -19.43
CA LEU B 88 7.05 -5.34 -20.80
C LEU B 88 8.20 -4.97 -21.73
N SER B 89 8.08 -5.40 -22.99
CA SER B 89 9.09 -5.08 -24.00
C SER B 89 8.77 -3.70 -24.57
N GLN B 90 7.48 -3.39 -24.64
CA GLN B 90 6.99 -2.13 -25.18
C GLN B 90 5.84 -1.64 -24.31
N PRO B 91 5.68 -0.31 -24.20
CA PRO B 91 4.61 0.30 -23.39
C PRO B 91 3.24 -0.19 -23.86
N LYS B 92 2.53 -0.87 -22.99
CA LYS B 92 1.22 -1.39 -23.33
C LYS B 92 0.21 -0.24 -23.32
N ILE B 93 -0.64 -0.19 -24.33
CA ILE B 93 -1.65 0.87 -24.44
C ILE B 93 -3.04 0.25 -24.54
N VAL B 94 -3.98 0.76 -23.76
CA VAL B 94 -5.34 0.26 -23.74
C VAL B 94 -6.26 1.44 -24.04
N LYS B 95 -7.06 1.33 -25.10
CA LYS B 95 -7.97 2.40 -25.50
C LYS B 95 -9.27 2.40 -24.71
N TRP B 96 -9.76 3.59 -24.41
CA TRP B 96 -10.99 3.75 -23.66
C TRP B 96 -12.20 3.42 -24.53
N ASP B 97 -13.06 2.52 -24.04
CA ASP B 97 -14.27 2.13 -24.73
C ASP B 97 -15.37 2.51 -23.74
N ARG B 98 -16.19 3.49 -24.11
CA ARG B 98 -17.26 3.93 -23.22
C ARG B 98 -18.26 2.86 -22.82
N ASP B 99 -18.29 1.74 -23.55
CA ASP B 99 -19.22 0.65 -23.25
C ASP B 99 -18.65 -0.28 -22.18
N MET B 100 -17.47 0.05 -21.67
CA MET B 100 -16.80 -0.74 -20.65
C MET B 100 -16.17 0.19 -19.60
N GLU C 1 -5.02 4.72 13.55
CA GLU C 1 -3.90 4.77 14.55
C GLU C 1 -2.92 3.62 14.23
N VAL C 2 -1.72 3.97 13.75
CA VAL C 2 -0.72 2.98 13.38
C VAL C 2 -0.14 2.23 14.56
N ALA C 3 0.30 1.01 14.29
CA ALA C 3 0.89 0.16 15.31
C ALA C 3 2.22 0.75 15.74
N PRO C 4 2.68 0.41 16.95
CA PRO C 4 3.98 0.95 17.40
C PRO C 4 5.05 0.42 16.44
N PRO C 5 6.19 1.12 16.34
CA PRO C 5 7.23 0.65 15.44
C PRO C 5 7.83 -0.69 15.86
N GLU C 6 8.14 -1.53 14.89
CA GLU C 6 8.74 -2.82 15.18
C GLU C 6 10.18 -2.53 15.55
N TYR C 7 10.57 -2.96 16.74
CA TYR C 7 11.92 -2.75 17.25
C TYR C 7 12.81 -3.98 17.02
N HIS C 8 12.18 -5.12 16.76
CA HIS C 8 12.91 -6.37 16.54
C HIS C 8 13.28 -6.54 15.09
N ARG C 9 14.58 -6.61 14.86
CA ARG C 9 15.13 -6.79 13.53
C ARG C 9 14.84 -8.18 12.98
N LYS C 10 14.76 -8.24 11.66
CA LYS C 10 14.54 -9.50 10.98
C LYS C 10 15.86 -10.26 10.90
#